data_2GWR
#
_entry.id   2GWR
#
_cell.length_a   38.916
_cell.length_b   56.598
_cell.length_c   135.069
_cell.angle_alpha   90.00
_cell.angle_beta   90.00
_cell.angle_gamma   90.00
#
_symmetry.space_group_name_H-M   'P 21 21 21'
#
loop_
_entity.id
_entity.type
_entity.pdbx_description
1 polymer 'DNA-binding response regulator mtrA'
2 non-polymer 'CALCIUM ION'
3 non-polymer GLYCEROL
4 water water
#
_entity_poly.entity_id   1
_entity_poly.type   'polypeptide(L)'
_entity_poly.pdbx_seq_one_letter_code
;(MSE)DT(MSE)RQRILVVDDDASLAE(MSE)LTIVLRGEGFDTAVIGDGTQALTAVRELRPDLVLLDL(MSE)LPG
(MSE)NGIDVCRVLRADSGVPIV(MSE)LTAKTDTVDVVLGLESGADDYI(MSE)KPFKPKELVARVRARLRRNDDEPAE
(MSE)LSIADVEIDVPAHKVTRNGEQISLTPLEFDLLVALARKPRQVFTRDVLLEQVWGYRHPADTRLVNVHVQRLRAKV
EKDPENPTVVLTVRGVGYKAGPPTSGSHHHHHH
;
_entity_poly.pdbx_strand_id   A
#
loop_
_chem_comp.id
_chem_comp.type
_chem_comp.name
_chem_comp.formula
CA non-polymer 'CALCIUM ION' 'Ca 2'
GOL non-polymer GLYCEROL 'C3 H8 O3'
#
# COMPACT_ATOMS: atom_id res chain seq x y z
N ASP A 2 14.96 18.01 4.61
CA ASP A 2 15.23 18.51 5.96
C ASP A 2 14.86 17.45 7.00
N THR A 3 15.74 16.47 7.19
CA THR A 3 16.89 16.31 6.30
C THR A 3 17.34 14.86 6.24
N MSE A 4 16.62 13.99 6.95
CA MSE A 4 17.07 12.61 7.17
C MSE A 4 16.55 11.68 6.09
O MSE A 4 15.48 11.91 5.51
CB MSE A 4 16.63 12.13 8.55
CG MSE A 4 17.36 10.88 9.02
SE MSE A 4 16.65 10.18 10.70
CE MSE A 4 17.81 11.13 11.94
N ARG A 5 17.30 10.63 5.80
CA ARG A 5 16.96 9.70 4.74
C ARG A 5 15.80 8.81 5.16
N GLN A 6 14.83 8.67 4.27
CA GLN A 6 13.85 7.62 4.39
C GLN A 6 14.48 6.24 4.30
N ARG A 7 13.83 5.27 4.93
CA ARG A 7 14.47 3.99 5.13
C ARG A 7 13.64 2.82 4.57
N ILE A 8 14.30 2.01 3.74
CA ILE A 8 13.69 0.83 3.10
C ILE A 8 14.27 -0.47 3.66
N LEU A 9 13.42 -1.43 3.96
CA LEU A 9 13.89 -2.74 4.36
C LEU A 9 13.68 -3.65 3.21
N VAL A 10 14.74 -4.37 2.84
CA VAL A 10 14.70 -5.30 1.74
C VAL A 10 14.70 -6.69 2.35
N VAL A 11 13.67 -7.47 2.03
CA VAL A 11 13.50 -8.81 2.55
C VAL A 11 13.56 -9.78 1.36
N ASP A 12 14.74 -10.35 1.15
CA ASP A 12 14.96 -11.18 -0.03
C ASP A 12 16.14 -12.08 0.26
N ASP A 13 16.03 -13.35 -0.11
CA ASP A 13 17.17 -14.25 0.09
C ASP A 13 18.14 -14.28 -1.12
N ASP A 14 17.84 -13.55 -2.20
CA ASP A 14 18.77 -13.43 -3.35
C ASP A 14 19.82 -12.34 -3.00
N ALA A 15 20.99 -12.77 -2.55
CA ALA A 15 21.90 -11.77 -1.93
C ALA A 15 22.46 -10.79 -2.96
N SER A 16 22.64 -11.27 -4.18
CA SER A 16 23.09 -10.36 -5.24
C SER A 16 22.04 -9.23 -5.55
N LEU A 17 20.78 -9.64 -5.74
CA LEU A 17 19.74 -8.65 -5.98
C LEU A 17 19.59 -7.71 -4.78
N ALA A 18 19.74 -8.26 -3.56
CA ALA A 18 19.63 -7.43 -2.37
C ALA A 18 20.79 -6.46 -2.32
N GLU A 19 21.98 -6.91 -2.68
CA GLU A 19 23.13 -5.98 -2.80
C GLU A 19 22.89 -4.87 -3.83
N MSE A 20 22.38 -5.23 -5.00
CA MSE A 20 22.10 -4.23 -6.04
C MSE A 20 21.03 -3.25 -5.54
O MSE A 20 21.15 -2.05 -5.77
CB MSE A 20 21.60 -4.93 -7.31
CG MSE A 20 21.78 -4.11 -8.62
SE MSE A 20 20.36 -4.63 -9.82
CE MSE A 20 18.93 -3.63 -8.72
N LEU A 21 19.97 -3.77 -4.91
CA LEU A 21 18.91 -2.90 -4.39
C LEU A 21 19.51 -1.99 -3.36
N THR A 22 20.36 -2.52 -2.49
CA THR A 22 21.07 -1.65 -1.55
C THR A 22 21.79 -0.48 -2.27
N ILE A 23 22.56 -0.81 -3.29
CA ILE A 23 23.33 0.20 -4.02
C ILE A 23 22.44 1.22 -4.71
N VAL A 24 21.46 0.73 -5.46
CA VAL A 24 20.57 1.63 -6.20
C VAL A 24 19.79 2.58 -5.23
N LEU A 25 19.22 2.00 -4.17
CA LEU A 25 18.35 2.80 -3.27
C LEU A 25 19.15 3.88 -2.54
N ARG A 26 20.34 3.52 -2.14
CA ARG A 26 21.21 4.48 -1.44
C ARG A 26 21.66 5.61 -2.36
N GLY A 27 21.93 5.30 -3.63
CA GLY A 27 22.28 6.35 -4.59
C GLY A 27 21.08 7.25 -4.83
N GLU A 28 19.87 6.71 -4.60
CA GLU A 28 18.67 7.55 -4.68
C GLU A 28 18.38 8.33 -3.39
N GLY A 29 19.26 8.23 -2.40
CA GLY A 29 19.03 9.01 -1.18
C GLY A 29 18.29 8.27 -0.04
N PHE A 30 18.08 6.95 -0.16
CA PHE A 30 17.41 6.20 0.93
C PHE A 30 18.46 5.56 1.86
N ASP A 31 18.07 5.34 3.12
CA ASP A 31 18.78 4.40 3.96
C ASP A 31 18.22 2.99 3.69
N THR A 32 19.02 1.96 3.84
CA THR A 32 18.50 0.61 3.61
C THR A 32 19.05 -0.44 4.57
N ALA A 33 18.29 -1.54 4.76
CA ALA A 33 18.79 -2.72 5.45
C ALA A 33 18.20 -3.91 4.74
N VAL A 34 18.83 -5.07 4.92
CA VAL A 34 18.43 -6.29 4.21
C VAL A 34 18.27 -7.39 5.25
N ILE A 35 17.28 -8.26 5.11
CA ILE A 35 17.25 -9.54 5.82
C ILE A 35 16.87 -10.60 4.79
N GLY A 36 17.25 -11.84 5.08
CA GLY A 36 17.15 -12.90 4.08
C GLY A 36 16.17 -14.00 4.44
N ASP A 37 15.51 -13.86 5.59
CA ASP A 37 14.61 -14.88 6.11
C ASP A 37 13.31 -14.25 6.67
N GLY A 38 12.17 -14.81 6.27
CA GLY A 38 10.87 -14.29 6.72
C GLY A 38 10.73 -14.22 8.23
N THR A 39 11.36 -15.15 8.93
CA THR A 39 11.21 -15.14 10.39
C THR A 39 11.89 -13.94 11.08
N GLN A 40 12.74 -13.20 10.36
CA GLN A 40 13.40 -12.01 10.95
C GLN A 40 12.61 -10.68 10.78
N ALA A 41 11.57 -10.70 9.96
CA ALA A 41 10.94 -9.46 9.54
C ALA A 41 10.26 -8.70 10.65
N LEU A 42 9.53 -9.38 11.54
CA LEU A 42 8.81 -8.60 12.56
C LEU A 42 9.80 -7.85 13.45
N THR A 43 10.86 -8.52 13.89
CA THR A 43 11.89 -7.83 14.70
C THR A 43 12.59 -6.75 13.89
N ALA A 44 12.95 -7.05 12.65
CA ALA A 44 13.57 -5.97 11.84
C ALA A 44 12.66 -4.70 11.69
N VAL A 45 11.38 -4.90 11.38
CA VAL A 45 10.52 -3.72 11.21
C VAL A 45 10.38 -2.90 12.50
N ARG A 46 10.19 -3.61 13.60
CA ARG A 46 10.06 -2.95 14.89
C ARG A 46 11.37 -2.25 15.32
N GLU A 47 12.50 -2.83 14.95
CA GLU A 47 13.80 -2.22 15.34
C GLU A 47 14.16 -1.05 14.44
N LEU A 48 13.91 -1.18 13.13
CA LEU A 48 14.30 -0.15 12.18
C LEU A 48 13.22 0.84 11.82
N ARG A 49 11.95 0.50 12.07
CA ARG A 49 10.83 1.33 11.57
C ARG A 49 11.09 1.87 10.13
N PRO A 50 11.15 0.97 9.16
CA PRO A 50 11.35 1.41 7.77
C PRO A 50 10.11 2.19 7.26
N ASP A 51 10.33 3.08 6.32
CA ASP A 51 9.21 3.74 5.67
C ASP A 51 8.53 2.82 4.65
N LEU A 52 9.23 1.78 4.23
CA LEU A 52 8.63 0.90 3.24
C LEU A 52 9.41 -0.41 3.25
N VAL A 53 8.70 -1.49 2.94
CA VAL A 53 9.32 -2.80 2.87
C VAL A 53 9.18 -3.36 1.48
N LEU A 54 10.29 -3.82 0.92
CA LEU A 54 10.27 -4.62 -0.33
C LEU A 54 10.36 -6.09 0.04
N LEU A 55 9.42 -6.89 -0.44
CA LEU A 55 9.25 -8.20 0.15
C LEU A 55 9.14 -9.28 -0.90
N ASP A 56 10.15 -10.13 -0.97
CA ASP A 56 10.14 -11.32 -1.80
C ASP A 56 8.95 -12.27 -1.48
N LEU A 57 8.20 -12.69 -2.51
CA LEU A 57 7.05 -13.60 -2.29
C LEU A 57 7.50 -14.99 -1.77
N MSE A 58 8.54 -15.54 -2.39
CA MSE A 58 9.05 -16.85 -2.06
C MSE A 58 10.27 -16.67 -1.15
O MSE A 58 11.33 -16.35 -1.62
CB MSE A 58 9.47 -17.61 -3.31
CG MSE A 58 8.40 -17.78 -4.34
SE MSE A 58 6.91 -18.93 -3.79
CE MSE A 58 7.85 -20.31 -2.90
N LEU A 59 10.15 -16.82 0.17
CA LEU A 59 11.31 -16.61 1.04
C LEU A 59 11.55 -17.82 1.89
N PRO A 60 12.81 -18.03 2.33
CA PRO A 60 13.02 -19.02 3.40
C PRO A 60 12.36 -18.60 4.72
N GLY A 61 12.01 -19.61 5.52
CA GLY A 61 11.63 -19.38 6.91
C GLY A 61 10.13 -19.16 7.04
N MSE A 62 9.62 -18.25 6.23
CA MSE A 62 8.23 -17.90 6.18
C MSE A 62 8.10 -17.18 4.84
O MSE A 62 8.88 -16.24 4.59
CB MSE A 62 7.96 -16.89 7.29
CG MSE A 62 6.54 -16.65 7.52
SE MSE A 62 6.31 -15.40 9.02
CE MSE A 62 7.29 -16.17 10.23
N ASN A 63 7.16 -17.58 3.99
CA ASN A 63 7.00 -16.90 2.70
C ASN A 63 6.42 -15.49 2.86
N GLY A 64 6.36 -14.77 1.73
CA GLY A 64 5.96 -13.37 1.71
C GLY A 64 4.52 -13.08 2.07
N ILE A 65 3.61 -14.03 1.81
CA ILE A 65 2.21 -13.85 2.19
C ILE A 65 2.04 -13.87 3.72
N ASP A 66 2.70 -14.84 4.35
CA ASP A 66 2.87 -14.91 5.80
C ASP A 66 3.52 -13.69 6.44
N VAL A 67 4.66 -13.26 5.91
CA VAL A 67 5.29 -12.02 6.43
C VAL A 67 4.30 -10.85 6.37
N CYS A 68 3.55 -10.78 5.28
CA CYS A 68 2.52 -9.76 5.14
C CYS A 68 1.51 -9.71 6.26
N ARG A 69 0.95 -10.87 6.54
CA ARG A 69 -0.09 -10.98 7.53
C ARG A 69 0.50 -10.55 8.87
N VAL A 70 1.75 -10.96 9.14
CA VAL A 70 2.39 -10.63 10.39
C VAL A 70 2.60 -9.12 10.53
N LEU A 71 3.25 -8.52 9.52
CA LEU A 71 3.49 -7.06 9.54
C LEU A 71 2.19 -6.26 9.53
N ARG A 72 1.16 -6.74 8.80
CA ARG A 72 -0.08 -5.96 8.81
C ARG A 72 -0.80 -6.05 10.16
N ALA A 73 -0.57 -7.09 10.92
CA ALA A 73 -1.15 -7.08 12.28
C ALA A 73 -0.47 -5.99 13.14
N ASP A 74 0.65 -5.47 12.65
CA ASP A 74 1.53 -4.58 13.44
C ASP A 74 1.40 -3.12 13.00
N SER A 75 1.36 -2.89 11.69
CA SER A 75 1.29 -1.51 11.19
C SER A 75 0.84 -1.48 9.74
N GLY A 76 0.53 -0.28 9.26
CA GLY A 76 0.15 -0.06 7.89
C GLY A 76 1.37 0.19 6.97
N VAL A 77 2.59 -0.09 7.44
CA VAL A 77 3.80 0.24 6.64
C VAL A 77 3.71 -0.31 5.20
N PRO A 78 4.02 0.55 4.21
CA PRO A 78 3.81 0.14 2.82
C PRO A 78 4.68 -1.07 2.48
N ILE A 79 4.08 -1.98 1.76
CA ILE A 79 4.76 -3.23 1.39
C ILE A 79 4.66 -3.36 -0.14
N VAL A 80 5.80 -3.53 -0.80
CA VAL A 80 5.80 -3.88 -2.25
C VAL A 80 6.36 -5.29 -2.45
N MSE A 81 5.52 -6.22 -2.93
CA MSE A 81 5.93 -7.63 -3.11
C MSE A 81 6.78 -7.77 -4.38
O MSE A 81 6.45 -7.16 -5.40
CB MSE A 81 4.71 -8.56 -3.23
CG MSE A 81 3.97 -8.86 -1.91
SE MSE A 81 4.94 -10.24 -0.89
CE MSE A 81 5.46 -11.10 -2.24
N LEU A 82 7.86 -8.54 -4.33
CA LEU A 82 8.65 -8.92 -5.52
C LEU A 82 8.32 -10.36 -5.94
N THR A 83 7.83 -10.52 -7.17
CA THR A 83 7.28 -11.78 -7.62
C THR A 83 8.11 -12.28 -8.82
N ALA A 84 8.04 -13.54 -9.16
CA ALA A 84 8.81 -14.03 -10.33
C ALA A 84 7.91 -15.03 -10.97
N LYS A 85 8.14 -15.33 -12.25
CA LYS A 85 7.23 -16.25 -12.93
C LYS A 85 7.31 -17.61 -12.31
N THR A 86 8.43 -17.89 -11.68
CA THR A 86 8.59 -19.20 -11.06
C THR A 86 7.80 -19.38 -9.75
N ASP A 87 7.26 -18.30 -9.19
CA ASP A 87 6.60 -18.36 -7.89
C ASP A 87 5.57 -19.46 -7.89
N THR A 88 5.48 -20.18 -6.79
CA THR A 88 4.55 -21.31 -6.70
C THR A 88 3.33 -20.96 -5.84
N VAL A 89 3.25 -19.71 -5.40
CA VAL A 89 2.13 -19.27 -4.58
C VAL A 89 1.52 -18.00 -5.20
N ASP A 90 0.29 -17.67 -4.87
CA ASP A 90 -0.45 -16.63 -5.62
C ASP A 90 -0.29 -15.25 -5.00
N VAL A 91 0.28 -14.33 -5.77
CA VAL A 91 0.57 -12.97 -5.21
C VAL A 91 -0.72 -12.26 -4.76
N VAL A 92 -1.86 -12.66 -5.32
CA VAL A 92 -3.13 -12.06 -4.91
C VAL A 92 -3.46 -12.31 -3.43
N LEU A 93 -3.08 -13.45 -2.88
CA LEU A 93 -3.27 -13.68 -1.45
C LEU A 93 -2.44 -12.69 -0.65
N GLY A 94 -1.31 -12.29 -1.18
CA GLY A 94 -0.51 -11.27 -0.49
C GLY A 94 -1.19 -9.89 -0.52
N LEU A 95 -1.72 -9.50 -1.69
CA LEU A 95 -2.39 -8.22 -1.79
C LEU A 95 -3.60 -8.24 -0.85
N GLU A 96 -4.34 -9.36 -0.85
CA GLU A 96 -5.51 -9.50 0.04
C GLU A 96 -5.15 -9.38 1.54
N SER A 97 -3.95 -9.82 1.86
CA SER A 97 -3.38 -9.66 3.20
C SER A 97 -2.81 -8.27 3.51
N GLY A 98 -2.84 -7.38 2.51
CA GLY A 98 -2.42 -6.00 2.75
C GLY A 98 -1.20 -5.49 2.00
N ALA A 99 -0.55 -6.32 1.19
CA ALA A 99 0.55 -5.78 0.37
C ALA A 99 -0.01 -4.68 -0.57
N ASP A 100 0.60 -3.48 -0.56
CA ASP A 100 0.09 -2.35 -1.34
C ASP A 100 0.25 -2.51 -2.87
N ASP A 101 1.25 -3.25 -3.32
CA ASP A 101 1.65 -3.22 -4.74
C ASP A 101 2.58 -4.42 -4.99
N TYR A 102 2.87 -4.74 -6.26
CA TYR A 102 3.82 -5.82 -6.54
C TYR A 102 4.53 -5.52 -7.86
N ILE A 103 5.78 -6.00 -7.99
CA ILE A 103 6.57 -5.87 -9.23
C ILE A 103 7.22 -7.21 -9.57
N MSE A 104 7.15 -7.58 -10.86
CA MSE A 104 7.65 -8.86 -11.36
C MSE A 104 9.19 -8.81 -11.57
O MSE A 104 9.72 -7.82 -12.10
CB MSE A 104 6.93 -9.22 -12.66
CG MSE A 104 7.38 -10.51 -13.33
SE MSE A 104 6.31 -12.02 -12.74
CE MSE A 104 4.74 -11.03 -11.97
N LYS A 105 9.90 -9.85 -11.12
CA LYS A 105 11.31 -9.98 -11.46
C LYS A 105 11.38 -10.69 -12.82
N PRO A 106 12.36 -10.33 -13.65
CA PRO A 106 13.41 -9.35 -13.36
C PRO A 106 12.84 -7.97 -13.66
N PHE A 107 13.26 -6.92 -12.96
CA PHE A 107 12.70 -5.59 -13.26
C PHE A 107 13.83 -4.65 -13.48
N LYS A 108 13.56 -3.53 -14.13
CA LYS A 108 14.50 -2.43 -14.19
C LYS A 108 14.50 -1.64 -12.90
N PRO A 109 15.71 -1.25 -12.46
CA PRO A 109 15.82 -0.51 -11.21
C PRO A 109 15.10 0.83 -11.26
N LYS A 110 15.01 1.47 -12.42
CA LYS A 110 14.26 2.70 -12.45
C LYS A 110 12.75 2.46 -12.18
N GLU A 111 12.18 1.36 -12.66
CA GLU A 111 10.74 1.09 -12.41
C GLU A 111 10.60 0.72 -10.94
N LEU A 112 11.58 0.01 -10.38
CA LEU A 112 11.51 -0.31 -8.95
C LEU A 112 11.50 0.99 -8.14
N VAL A 113 12.40 1.92 -8.48
CA VAL A 113 12.47 3.16 -7.71
C VAL A 113 11.19 3.99 -7.81
N ALA A 114 10.57 4.00 -9.00
CA ALA A 114 9.29 4.65 -9.20
C ALA A 114 8.20 4.07 -8.29
N ARG A 115 8.18 2.74 -8.15
CA ARG A 115 7.18 2.10 -7.30
C ARG A 115 7.41 2.53 -5.86
N VAL A 116 8.69 2.64 -5.47
CA VAL A 116 9.01 3.00 -4.09
C VAL A 116 8.54 4.43 -3.86
N ARG A 117 8.89 5.34 -4.79
CA ARG A 117 8.50 6.73 -4.59
C ARG A 117 6.98 6.94 -4.64
N ALA A 118 6.29 6.19 -5.47
CA ALA A 118 4.84 6.33 -5.51
C ALA A 118 4.14 6.04 -4.15
N ARG A 119 4.80 5.29 -3.28
CA ARG A 119 4.20 4.88 -2.01
C ARG A 119 4.58 5.91 -0.94
N LEU A 120 5.52 6.79 -1.28
CA LEU A 120 6.07 7.70 -0.29
C LEU A 120 5.87 9.15 -0.70
N ARG A 121 4.69 9.51 -1.23
CA ARG A 121 4.44 10.85 -1.81
C ARG A 121 4.02 11.89 -0.76
N ARG A 122 3.57 11.42 0.42
CA ARG A 122 2.93 12.29 1.43
C ARG A 122 3.96 13.23 2.08
N ASN A 123 3.61 14.53 2.10
CA ASN A 123 4.45 15.55 2.74
C ASN A 123 4.21 15.54 4.20
N ASP A 124 5.15 16.08 4.96
CA ASP A 124 4.83 16.48 6.32
C ASP A 124 4.09 17.82 6.27
N ASP A 125 3.41 18.14 7.37
CA ASP A 125 2.68 19.42 7.49
C ASP A 125 1.80 19.73 6.25
N GLU A 126 0.85 18.82 5.95
CA GLU A 126 -0.09 19.02 4.84
C GLU A 126 -1.10 20.14 5.14
N PRO A 127 -1.59 20.83 4.09
CA PRO A 127 -2.52 21.93 4.33
C PRO A 127 -3.84 21.45 4.91
N ALA A 128 -4.56 22.34 5.56
CA ALA A 128 -5.79 22.03 6.26
C ALA A 128 -6.80 21.58 5.21
N GLU A 129 -7.53 20.50 5.48
CA GLU A 129 -8.45 19.92 4.47
C GLU A 129 -9.35 18.96 5.23
N MSE A 130 -10.66 19.24 5.26
CA MSE A 130 -11.62 18.32 5.87
C MSE A 130 -12.57 17.86 4.79
O MSE A 130 -13.10 18.69 4.04
CB MSE A 130 -12.47 19.02 6.92
CG MSE A 130 -11.68 19.79 7.95
SE MSE A 130 -11.04 18.55 9.20
CE MSE A 130 -12.61 16.99 9.02
N LEU A 131 -12.85 16.57 4.75
CA LEU A 131 -13.75 16.04 3.72
C LEU A 131 -14.86 15.28 4.42
N SER A 132 -15.98 15.11 3.75
CA SER A 132 -16.86 14.06 4.22
C SER A 132 -17.38 13.20 3.10
N ILE A 133 -17.69 11.98 3.45
CA ILE A 133 -18.16 11.04 2.46
C ILE A 133 -19.21 10.16 3.14
N ALA A 134 -20.43 10.18 2.60
CA ALA A 134 -21.55 9.54 3.29
C ALA A 134 -21.52 10.05 4.74
N ASP A 135 -21.44 9.14 5.73
CA ASP A 135 -21.43 9.53 7.15
C ASP A 135 -20.03 9.48 7.80
N VAL A 136 -19.01 9.51 6.95
CA VAL A 136 -17.64 9.43 7.40
C VAL A 136 -17.00 10.83 7.24
N GLU A 137 -16.16 11.22 8.20
CA GLU A 137 -15.42 12.47 8.15
C GLU A 137 -13.94 12.16 7.98
N ILE A 138 -13.22 12.97 7.24
CA ILE A 138 -11.80 12.77 7.05
C ILE A 138 -11.10 14.12 7.31
N ASP A 139 -10.15 14.14 8.24
CA ASP A 139 -9.24 15.27 8.40
C ASP A 139 -7.96 14.85 7.70
N VAL A 140 -7.74 15.36 6.49
CA VAL A 140 -6.64 14.87 5.69
C VAL A 140 -5.24 15.07 6.32
N PRO A 141 -4.91 16.32 6.71
CA PRO A 141 -3.52 16.46 7.22
C PRO A 141 -3.36 15.76 8.57
N ALA A 142 -4.45 15.54 9.33
CA ALA A 142 -4.29 14.82 10.60
C ALA A 142 -4.30 13.29 10.38
N HIS A 143 -4.50 12.82 9.13
CA HIS A 143 -4.68 11.38 8.88
C HIS A 143 -5.65 10.71 9.83
N LYS A 144 -6.84 11.28 9.91
CA LYS A 144 -7.83 10.74 10.82
C LYS A 144 -9.18 10.60 10.11
N VAL A 145 -9.71 9.39 10.11
CA VAL A 145 -11.03 9.10 9.55
C VAL A 145 -11.91 8.75 10.75
N THR A 146 -13.11 9.33 10.83
CA THR A 146 -14.00 9.07 11.97
C THR A 146 -15.45 8.91 11.51
N ARG A 147 -16.23 8.18 12.30
CA ARG A 147 -17.68 8.11 12.12
C ARG A 147 -18.27 8.36 13.50
N ASN A 148 -19.15 9.34 13.60
CA ASN A 148 -19.69 9.75 14.90
C ASN A 148 -18.56 9.92 15.90
N GLY A 149 -17.50 10.62 15.50
CA GLY A 149 -16.38 10.84 16.40
C GLY A 149 -15.44 9.68 16.75
N GLU A 150 -15.73 8.44 16.36
CA GLU A 150 -14.82 7.35 16.66
C GLU A 150 -13.92 7.06 15.46
N GLN A 151 -12.63 6.87 15.71
CA GLN A 151 -11.70 6.83 14.60
C GLN A 151 -11.78 5.47 13.94
N ILE A 152 -11.65 5.46 12.62
CA ILE A 152 -11.52 4.21 11.88
C ILE A 152 -10.07 4.08 11.41
N SER A 153 -9.41 3.00 11.80
CA SER A 153 -8.04 2.78 11.42
C SER A 153 -7.89 2.21 10.00
N LEU A 154 -7.04 2.82 9.21
CA LEU A 154 -6.83 2.45 7.81
C LEU A 154 -5.32 2.46 7.53
N THR A 155 -4.85 1.58 6.64
CA THR A 155 -3.45 1.65 6.16
C THR A 155 -3.36 2.95 5.33
N PRO A 156 -2.14 3.48 5.07
CA PRO A 156 -2.00 4.70 4.23
C PRO A 156 -2.61 4.53 2.82
N LEU A 157 -2.48 3.33 2.24
CA LEU A 157 -3.09 3.05 0.93
C LEU A 157 -4.63 3.13 1.00
N GLU A 158 -5.23 2.49 2.00
CA GLU A 158 -6.72 2.57 2.17
C GLU A 158 -7.14 4.02 2.41
N PHE A 159 -6.32 4.76 3.17
CA PHE A 159 -6.64 6.17 3.41
C PHE A 159 -6.57 6.96 2.07
N ASP A 160 -5.47 6.78 1.31
CA ASP A 160 -5.33 7.49 0.03
C ASP A 160 -6.47 7.15 -0.93
N LEU A 161 -6.88 5.88 -0.99
CA LEU A 161 -8.02 5.51 -1.84
C LEU A 161 -9.30 6.25 -1.46
N LEU A 162 -9.64 6.23 -0.18
CA LEU A 162 -10.90 6.86 0.25
C LEU A 162 -10.85 8.39 -0.03
N VAL A 163 -9.68 9.01 0.23
CA VAL A 163 -9.55 10.47 0.06
C VAL A 163 -9.77 10.86 -1.40
N ALA A 164 -9.29 10.02 -2.31
CA ALA A 164 -9.46 10.32 -3.74
C ALA A 164 -10.93 10.31 -4.18
N LEU A 165 -11.71 9.39 -3.60
CA LEU A 165 -13.14 9.34 -3.90
C LEU A 165 -13.83 10.54 -3.25
N ALA A 166 -13.46 10.84 -2.00
CA ALA A 166 -14.14 11.88 -1.22
C ALA A 166 -13.89 13.25 -1.77
N ARG A 167 -12.68 13.49 -2.29
CA ARG A 167 -12.40 14.75 -2.99
C ARG A 167 -13.28 15.05 -4.21
N LYS A 168 -13.80 14.03 -4.88
CA LYS A 168 -14.56 14.26 -6.13
C LYS A 168 -15.82 13.43 -6.07
N PRO A 169 -16.80 13.81 -5.22
CA PRO A 169 -17.87 12.87 -4.87
C PRO A 169 -18.80 12.59 -6.03
N ARG A 170 -18.77 13.44 -7.04
CA ARG A 170 -19.59 13.23 -8.23
C ARG A 170 -18.88 12.43 -9.33
N GLN A 171 -17.60 12.13 -9.14
CA GLN A 171 -16.82 11.47 -10.21
C GLN A 171 -16.91 9.95 -10.10
N VAL A 172 -17.13 9.29 -11.24
CA VAL A 172 -16.96 7.84 -11.33
C VAL A 172 -15.53 7.52 -11.82
N PHE A 173 -14.81 6.69 -11.07
CA PHE A 173 -13.44 6.42 -11.39
C PHE A 173 -13.38 5.00 -11.94
N THR A 174 -12.83 4.82 -13.13
CA THR A 174 -12.53 3.48 -13.63
C THR A 174 -11.32 2.90 -12.84
N ARG A 175 -11.09 1.61 -12.95
CA ARG A 175 -9.99 1.01 -12.24
C ARG A 175 -8.64 1.45 -12.80
N ASP A 176 -8.49 1.58 -14.13
CA ASP A 176 -7.23 2.10 -14.69
C ASP A 176 -6.96 3.53 -14.20
N VAL A 177 -8.01 4.33 -14.15
CA VAL A 177 -7.85 5.72 -13.66
C VAL A 177 -7.37 5.74 -12.18
N LEU A 178 -7.99 4.93 -11.33
CA LEU A 178 -7.56 4.79 -9.92
C LEU A 178 -6.14 4.28 -9.75
N LEU A 179 -5.74 3.24 -10.49
CA LEU A 179 -4.35 2.76 -10.52
C LEU A 179 -3.40 3.88 -10.79
N GLU A 180 -3.69 4.65 -11.83
CA GLU A 180 -2.77 5.68 -12.21
C GLU A 180 -2.79 6.76 -11.13
N GLN A 181 -3.97 7.13 -10.67
CA GLN A 181 -4.03 8.25 -9.74
C GLN A 181 -3.55 7.89 -8.33
N VAL A 182 -3.98 6.77 -7.81
CA VAL A 182 -3.65 6.43 -6.43
C VAL A 182 -2.37 5.59 -6.34
N TRP A 183 -2.21 4.62 -7.23
CA TRP A 183 -1.03 3.78 -7.14
C TRP A 183 0.16 4.44 -7.81
N GLY A 184 -0.14 5.23 -8.82
CA GLY A 184 0.87 5.99 -9.50
C GLY A 184 1.45 5.39 -10.76
N TYR A 185 0.83 4.37 -11.35
CA TYR A 185 1.29 3.91 -12.66
C TYR A 185 1.12 4.87 -13.81
N ARG A 186 2.15 4.93 -14.65
CA ARG A 186 2.00 5.48 -15.97
C ARG A 186 1.83 4.32 -16.93
N ALA A 189 -0.77 -1.50 -14.28
CA ALA A 189 -1.24 -2.54 -15.18
C ALA A 189 -2.30 -3.51 -14.58
N ASP A 190 -2.08 -4.05 -13.40
CA ASP A 190 -3.03 -5.05 -12.85
C ASP A 190 -4.21 -4.43 -12.07
N THR A 191 -5.40 -4.38 -12.68
CA THR A 191 -6.51 -3.70 -12.01
C THR A 191 -7.11 -4.47 -10.84
N ARG A 192 -6.69 -5.72 -10.65
CA ARG A 192 -7.13 -6.45 -9.45
C ARG A 192 -6.59 -5.83 -8.21
N LEU A 193 -5.50 -5.08 -8.33
CA LEU A 193 -5.00 -4.34 -7.18
C LEU A 193 -6.09 -3.45 -6.64
N VAL A 194 -6.80 -2.78 -7.55
CA VAL A 194 -7.87 -1.86 -7.16
C VAL A 194 -9.00 -2.60 -6.51
N ASN A 195 -9.48 -3.69 -7.15
CA ASN A 195 -10.55 -4.51 -6.54
C ASN A 195 -10.17 -4.96 -5.12
N VAL A 196 -8.96 -5.48 -4.97
CA VAL A 196 -8.54 -6.00 -3.67
C VAL A 196 -8.58 -4.94 -2.58
N HIS A 197 -8.06 -3.77 -2.89
CA HIS A 197 -7.95 -2.76 -1.84
C HIS A 197 -9.25 -2.00 -1.58
N VAL A 198 -10.09 -1.90 -2.60
CA VAL A 198 -11.47 -1.48 -2.37
C VAL A 198 -12.15 -2.38 -1.36
N GLN A 199 -12.02 -3.70 -1.55
CA GLN A 199 -12.67 -4.59 -0.63
C GLN A 199 -12.07 -4.40 0.77
N ARG A 200 -10.75 -4.24 0.87
CA ARG A 200 -10.13 -4.06 2.19
C ARG A 200 -10.60 -2.75 2.84
N LEU A 201 -10.75 -1.70 2.02
CA LEU A 201 -11.21 -0.43 2.53
C LEU A 201 -12.67 -0.58 3.00
N ARG A 202 -13.52 -1.23 2.20
CA ARG A 202 -14.94 -1.37 2.55
C ARG A 202 -15.04 -2.17 3.86
N ALA A 203 -14.23 -3.23 3.96
CA ALA A 203 -14.27 -4.03 5.17
C ALA A 203 -14.04 -3.16 6.44
N LYS A 204 -13.29 -2.06 6.31
CA LYS A 204 -13.09 -1.15 7.45
C LYS A 204 -14.11 0.02 7.61
N VAL A 205 -14.55 0.64 6.51
CA VAL A 205 -15.35 1.85 6.62
C VAL A 205 -16.84 1.65 6.46
N GLU A 206 -17.28 0.49 6.00
CA GLU A 206 -18.71 0.23 5.79
C GLU A 206 -19.35 -0.35 7.05
N LYS A 207 -20.53 0.19 7.36
CA LYS A 207 -21.36 -0.38 8.41
C LYS A 207 -21.64 -1.83 8.04
N ASP A 208 -22.07 -2.04 6.79
CA ASP A 208 -22.24 -3.39 6.24
C ASP A 208 -21.48 -3.56 4.89
N PRO A 209 -20.30 -4.20 4.91
CA PRO A 209 -19.53 -4.27 3.65
C PRO A 209 -20.23 -4.96 2.46
N GLU A 210 -21.27 -5.76 2.71
CA GLU A 210 -22.03 -6.44 1.66
C GLU A 210 -22.94 -5.45 0.97
N ASN A 211 -23.33 -4.42 1.73
CA ASN A 211 -24.17 -3.35 1.20
C ASN A 211 -23.57 -1.94 1.39
N PRO A 212 -22.56 -1.60 0.58
CA PRO A 212 -21.78 -0.37 0.79
C PRO A 212 -22.59 0.90 0.69
N THR A 213 -22.32 1.86 1.57
CA THR A 213 -22.82 3.23 1.42
C THR A 213 -21.70 4.29 1.22
N VAL A 214 -20.48 3.95 1.60
CA VAL A 214 -19.36 4.90 1.57
C VAL A 214 -18.62 4.82 0.25
N VAL A 215 -18.28 3.59 -0.16
CA VAL A 215 -17.64 3.39 -1.47
C VAL A 215 -18.57 2.54 -2.37
N LEU A 216 -19.03 3.15 -3.46
CA LEU A 216 -20.05 2.52 -4.29
C LEU A 216 -19.46 1.95 -5.58
N THR A 217 -19.95 0.76 -5.94
CA THR A 217 -19.70 0.16 -7.26
C THR A 217 -20.67 0.76 -8.28
N VAL A 218 -20.11 1.27 -9.38
CA VAL A 218 -20.92 1.63 -10.54
C VAL A 218 -20.70 0.51 -11.56
N ARG A 219 -21.68 -0.38 -11.67
CA ARG A 219 -21.49 -1.60 -12.46
C ARG A 219 -21.06 -1.24 -13.87
N GLY A 220 -20.09 -1.94 -14.42
CA GLY A 220 -19.73 -1.66 -15.79
C GLY A 220 -18.71 -0.53 -15.95
N VAL A 221 -18.51 0.28 -14.92
CA VAL A 221 -17.66 1.46 -15.09
C VAL A 221 -16.54 1.57 -14.02
N GLY A 222 -16.87 1.49 -12.73
CA GLY A 222 -15.83 1.67 -11.72
C GLY A 222 -16.46 1.89 -10.36
N TYR A 223 -15.92 2.87 -9.62
CA TYR A 223 -16.33 3.13 -8.23
C TYR A 223 -16.55 4.63 -8.04
N LYS A 224 -17.32 5.01 -7.04
CA LYS A 224 -17.48 6.43 -6.78
C LYS A 224 -17.88 6.59 -5.31
N ALA A 225 -17.75 7.83 -4.80
CA ALA A 225 -18.07 8.16 -3.41
C ALA A 225 -19.57 7.94 -3.15
N GLY A 226 -19.88 7.45 -1.96
CA GLY A 226 -21.25 7.26 -1.56
C GLY A 226 -21.94 8.61 -1.38
N PRO A 227 -23.28 8.57 -1.36
CA PRO A 227 -24.08 9.78 -1.34
C PRO A 227 -23.86 10.47 0.00
N PRO A 228 -23.23 11.68 0.00
CA PRO A 228 -22.94 12.39 1.26
C PRO A 228 -24.12 13.19 1.82
CA CA B . 13.21 -15.89 -3.24
C1 GOL C . -7.00 6.98 9.73
O1 GOL C . -8.03 6.99 10.76
C2 GOL C . -5.69 6.40 10.29
O2 GOL C . -5.76 4.98 10.51
C3 GOL C . -4.51 6.62 9.29
O3 GOL C . -4.79 6.12 7.99
C1 GOL D . -9.07 12.57 -5.63
O1 GOL D . -9.79 12.45 -6.82
C2 GOL D . -8.46 13.96 -5.52
O2 GOL D . -8.99 14.88 -6.50
C3 GOL D . -6.93 13.75 -5.45
O3 GOL D . -6.58 12.75 -4.47
#